data_8HNZ
#
_entry.id   8HNZ
#
_cell.length_a   91.475
_cell.length_b   106.834
_cell.length_c   42.342
_cell.angle_alpha   90.00
_cell.angle_beta   90.00
_cell.angle_gamma   90.00
#
_symmetry.space_group_name_H-M   'P 21 21 2'
#
loop_
_entity.id
_entity.type
_entity.pdbx_description
1 polymer 'Cytochrome P450-F5053'
2 non-polymer 'PROTOPORPHYRIN IX CONTAINING FE'
3 non-polymer 'CALCIUM ION'
4 non-polymer (3~{S},8~{a}~{S})-3-[(5-fluoranyl-1~{H}-indol-3-yl)methyl]-2,3,6,7,8,8~{a}-hexahydropyrrolo[1,2-a]pyrazine-1,4-dione
5 water water
#
_entity_poly.entity_id   1
_entity_poly.type   'polypeptide(L)'
_entity_poly.pdbx_seq_one_letter_code
;GSTLTYPFHDWSQELSPRYAQLRASDAPVCPVVSEGTGDPLWLVTRYATAVKLLEDSRFSSEAAQASGAPRQSPVELRAP
GTRGDAIAMLREAGLRSVLADGLGPRAVRRHQGWINDLAETLMSELASREGTFDLAADFVEPLSSALVSRTLLGELSADE
RDLLAHCADTGLRFCGVTHEEQVHAFTQMHEFFLEHARRLAGTPGEHLLKLIAEAPVDQGPLSDEALAEAGSLLVVAGFP
TSSGFLCGALLTLLRHPDAVQELHAHPERVPSAVEELLRYTPLSTGSVKRMATEDLEIDGVRIKAGEVVMVSLEAVNHDP
DAFEDPDVFRPGREGPMHFGFGRGRHFCPGNRLARCVIEATVRAVARRPGLRLAVAPEEISWHEGLFFRRPRAIPATW
;
_entity_poly.pdbx_strand_id   A
#
loop_
_chem_comp.id
_chem_comp.type
_chem_comp.name
_chem_comp.formula
3I5 non-polymer (3~{S},8~{a}~{S})-3-[(5-fluoranyl-1~{H}-indol-3-yl)methyl]-2,3,6,7,8,8~{a}-hexahydropyrrolo[1,2-a]pyrazine-1,4-dione 'C16 H16 F N3 O2'
CA non-polymer 'CALCIUM ION' 'Ca 2'
HEM non-polymer 'PROTOPORPHYRIN IX CONTAINING FE' 'C34 H32 Fe N4 O4'
#
# COMPACT_ATOMS: atom_id res chain seq x y z
N LEU A 4 14.49 -1.04 -22.06
CA LEU A 4 14.16 -1.64 -20.76
C LEU A 4 12.65 -1.53 -20.49
N THR A 5 11.97 -2.67 -20.30
CA THR A 5 10.54 -2.62 -20.02
C THR A 5 10.26 -2.67 -18.53
N TYR A 6 9.09 -2.14 -18.17
CA TYR A 6 8.68 -1.89 -16.80
C TYR A 6 7.28 -2.46 -16.60
N PRO A 7 7.00 -3.10 -15.46
CA PRO A 7 7.82 -3.30 -14.26
C PRO A 7 8.87 -4.39 -14.42
N PHE A 8 9.57 -4.73 -13.34
CA PHE A 8 10.69 -5.66 -13.43
C PHE A 8 10.35 -7.05 -12.91
N HIS A 9 9.07 -7.36 -12.75
CA HIS A 9 8.60 -8.72 -12.44
C HIS A 9 9.17 -9.28 -11.14
N ASP A 10 9.55 -8.40 -10.21
CA ASP A 10 10.07 -8.85 -8.92
C ASP A 10 8.91 -9.00 -7.93
N TRP A 11 8.13 -10.05 -8.13
CA TRP A 11 6.89 -10.25 -7.37
C TRP A 11 7.10 -10.71 -5.93
N SER A 12 8.30 -11.17 -5.57
CA SER A 12 8.58 -11.61 -4.21
C SER A 12 9.28 -10.46 -3.47
N GLN A 13 9.82 -10.75 -2.28
CA GLN A 13 10.51 -9.69 -1.54
C GLN A 13 11.92 -9.42 -2.08
N GLU A 14 12.40 -10.24 -3.01
CA GLU A 14 13.71 -9.99 -3.63
C GLU A 14 13.55 -8.91 -4.69
N LEU A 15 14.12 -7.74 -4.41
CA LEU A 15 14.06 -6.61 -5.33
C LEU A 15 14.84 -6.91 -6.60
N SER A 16 14.32 -6.44 -7.73
CA SER A 16 15.02 -6.62 -8.99
C SER A 16 16.38 -5.93 -8.93
N PRO A 17 17.44 -6.57 -9.43
CA PRO A 17 18.74 -5.89 -9.51
C PRO A 17 18.73 -4.67 -10.40
N ARG A 18 17.73 -4.53 -11.29
CA ARG A 18 17.66 -3.38 -12.18
C ARG A 18 17.59 -2.08 -11.41
N TYR A 19 16.96 -2.09 -10.23
CA TYR A 19 16.82 -0.86 -9.46
C TYR A 19 18.18 -0.35 -9.02
N ALA A 20 19.04 -1.23 -8.49
CA ALA A 20 20.37 -0.77 -8.10
C ALA A 20 21.21 -0.42 -9.31
N GLN A 21 21.01 -1.12 -10.42
CA GLN A 21 21.77 -0.83 -11.64
C GLN A 21 21.43 0.57 -12.17
N LEU A 22 20.14 0.93 -12.18
CA LEU A 22 19.77 2.28 -12.59
C LEU A 22 20.22 3.31 -11.57
N ARG A 23 20.13 2.98 -10.28
CA ARG A 23 20.55 3.92 -9.26
C ARG A 23 22.02 4.29 -9.44
N ALA A 24 22.85 3.31 -9.81
CA ALA A 24 24.27 3.54 -9.98
C ALA A 24 24.64 4.08 -11.36
N SER A 25 23.68 4.19 -12.28
CA SER A 25 24.03 4.63 -13.62
C SER A 25 24.34 6.13 -13.61
N ASP A 26 24.91 6.60 -14.72
CA ASP A 26 25.36 7.98 -14.81
C ASP A 26 24.24 8.97 -15.05
N ALA A 27 22.99 8.53 -15.13
CA ALA A 27 21.88 9.47 -15.31
C ALA A 27 20.96 9.48 -14.09
N PRO A 28 20.44 10.65 -13.71
CA PRO A 28 19.54 10.73 -12.54
C PRO A 28 18.10 10.32 -12.81
N VAL A 29 17.75 10.13 -14.08
CA VAL A 29 16.44 9.67 -14.53
C VAL A 29 16.67 8.81 -15.76
N CYS A 30 16.01 7.66 -15.83
CA CYS A 30 16.28 6.70 -16.88
C CYS A 30 15.02 6.37 -17.66
N PRO A 31 15.11 6.24 -18.99
CA PRO A 31 13.93 5.89 -19.77
C PRO A 31 13.62 4.41 -19.72
N VAL A 32 12.33 4.11 -19.58
CA VAL A 32 11.83 2.76 -19.66
C VAL A 32 10.59 2.79 -20.56
N VAL A 33 10.09 1.60 -20.88
CA VAL A 33 8.86 1.48 -21.66
C VAL A 33 7.89 0.60 -20.87
N SER A 34 6.64 1.03 -20.79
CA SER A 34 5.62 0.24 -20.13
C SER A 34 5.42 -1.06 -20.88
N GLU A 35 5.61 -2.19 -20.18
CA GLU A 35 5.29 -3.47 -20.80
C GLU A 35 3.81 -3.54 -21.14
N GLY A 36 2.97 -2.91 -20.32
CA GLY A 36 1.54 -3.03 -20.43
C GLY A 36 0.92 -2.25 -21.57
N THR A 37 1.49 -1.08 -21.88
CA THR A 37 0.93 -0.21 -22.90
C THR A 37 1.90 0.19 -24.01
N GLY A 38 3.19 -0.06 -23.85
CA GLY A 38 4.16 0.49 -24.78
C GLY A 38 4.51 1.95 -24.54
N ASP A 39 3.94 2.57 -23.51
CA ASP A 39 4.17 4.00 -23.28
C ASP A 39 5.59 4.24 -22.79
N PRO A 40 6.31 5.22 -23.34
CA PRO A 40 7.58 5.61 -22.73
C PRO A 40 7.35 6.30 -21.39
N LEU A 41 8.25 6.03 -20.46
CA LEU A 41 8.18 6.56 -19.11
C LEU A 41 9.59 6.88 -18.64
N TRP A 42 9.67 7.79 -17.67
CA TRP A 42 10.91 8.05 -16.94
C TRP A 42 10.87 7.36 -15.59
N LEU A 43 12.04 6.93 -15.10
CA LEU A 43 12.12 6.21 -13.83
C LEU A 43 13.24 6.78 -12.95
N VAL A 44 12.89 7.18 -11.73
CA VAL A 44 13.83 7.72 -10.74
C VAL A 44 14.01 6.70 -9.62
N THR A 45 15.27 6.43 -9.25
CA THR A 45 15.59 5.45 -8.21
C THR A 45 16.42 6.03 -7.06
N ARG A 46 16.86 7.29 -7.13
CA ARG A 46 17.69 7.89 -6.10
C ARG A 46 16.86 8.77 -5.16
N TYR A 47 17.14 8.63 -3.86
CA TYR A 47 16.44 9.39 -2.82
C TYR A 47 16.48 10.90 -3.09
N ALA A 48 17.66 11.45 -3.37
CA ALA A 48 17.79 12.90 -3.49
C ALA A 48 16.96 13.43 -4.66
N THR A 49 17.01 12.72 -5.79
CA THR A 49 16.22 13.12 -6.96
C THR A 49 14.74 12.94 -6.70
N ALA A 50 14.37 11.87 -5.97
CA ALA A 50 12.95 11.62 -5.68
C ALA A 50 12.36 12.73 -4.83
N VAL A 51 13.12 13.24 -3.86
CA VAL A 51 12.63 14.34 -3.04
C VAL A 51 12.31 15.54 -3.91
N LYS A 52 13.24 15.90 -4.79
CA LYS A 52 13.05 17.06 -5.68
C LYS A 52 11.82 16.90 -6.54
N LEU A 53 11.60 15.71 -7.11
CA LEU A 53 10.47 15.49 -8.00
C LEU A 53 9.15 15.53 -7.24
N LEU A 54 9.06 14.78 -6.13
CA LEU A 54 7.80 14.64 -5.43
C LEU A 54 7.42 15.90 -4.65
N GLU A 55 8.35 16.83 -4.42
CA GLU A 55 7.99 18.07 -3.75
C GLU A 55 7.82 19.22 -4.74
N ASP A 56 7.90 18.95 -6.05
CA ASP A 56 7.65 19.97 -7.09
C ASP A 56 6.24 19.76 -7.61
N SER A 57 5.33 20.69 -7.27
CA SER A 57 3.93 20.52 -7.64
C SER A 57 3.68 20.66 -9.14
N ARG A 58 4.68 21.10 -9.93
CA ARG A 58 4.51 21.11 -11.37
C ARG A 58 4.58 19.71 -11.97
N PHE A 59 5.06 18.72 -11.20
CA PHE A 59 4.88 17.31 -11.55
C PHE A 59 3.58 16.85 -10.87
N SER A 60 2.53 16.66 -11.68
CA SER A 60 1.17 16.50 -11.20
C SER A 60 0.79 15.03 -11.08
N SER A 61 0.27 14.64 -9.90
CA SER A 61 -0.24 13.29 -9.75
C SER A 61 -1.57 13.10 -10.50
N GLU A 62 -2.46 14.10 -10.43
CA GLU A 62 -3.78 13.94 -11.03
C GLU A 62 -3.67 13.81 -12.54
N ALA A 63 -2.74 14.57 -13.14
CA ALA A 63 -2.53 14.48 -14.57
C ALA A 63 -1.99 13.12 -14.97
N ALA A 64 -1.18 12.49 -14.12
CA ALA A 64 -0.70 11.14 -14.42
C ALA A 64 -1.77 10.08 -14.22
N GLN A 65 -2.80 10.37 -13.42
CA GLN A 65 -3.88 9.42 -13.20
C GLN A 65 -4.97 9.55 -14.23
N ALA A 66 -5.01 10.67 -14.95
CA ALA A 66 -6.10 10.98 -15.84
C ALA A 66 -6.23 9.96 -16.97
N SER A 67 -7.47 9.72 -17.38
CA SER A 67 -7.78 8.93 -18.56
C SER A 67 -6.93 9.41 -19.72
N GLY A 68 -6.21 8.49 -20.35
CA GLY A 68 -5.36 8.82 -21.49
C GLY A 68 -3.92 9.18 -21.17
N ALA A 69 -3.52 9.21 -19.92
CA ALA A 69 -2.13 9.55 -19.65
C ALA A 69 -1.22 8.39 -20.05
N PRO A 70 0.05 8.65 -20.38
CA PRO A 70 1.03 7.57 -20.44
C PRO A 70 1.06 6.88 -19.08
N ARG A 71 1.12 5.55 -19.09
CA ARG A 71 0.87 4.87 -17.83
C ARG A 71 1.59 3.53 -17.78
N GLN A 72 1.79 3.06 -16.55
CA GLN A 72 2.47 1.79 -16.31
C GLN A 72 1.49 0.60 -16.21
N SER A 73 0.22 0.84 -15.88
CA SER A 73 -0.80 -0.20 -15.79
C SER A 73 -1.26 -0.62 -17.19
N PRO A 74 -1.56 -1.90 -17.40
CA PRO A 74 -2.10 -2.28 -18.72
C PRO A 74 -3.49 -1.71 -19.00
N VAL A 75 -4.28 -1.42 -17.97
CA VAL A 75 -5.60 -0.82 -18.13
C VAL A 75 -5.71 0.42 -17.23
N GLU A 76 -6.62 1.31 -17.59
CA GLU A 76 -6.97 2.42 -16.72
C GLU A 76 -7.59 1.92 -15.42
N LEU A 77 -7.20 2.56 -14.32
CA LEU A 77 -7.62 2.16 -12.98
C LEU A 77 -8.92 2.88 -12.59
N ARG A 78 -9.96 2.65 -13.39
CA ARG A 78 -11.26 3.29 -13.18
C ARG A 78 -12.33 2.46 -13.89
N ALA A 79 -13.53 2.49 -13.34
CA ALA A 79 -14.68 2.01 -14.09
C ALA A 79 -14.89 2.90 -15.32
N PRO A 80 -15.07 2.32 -16.51
CA PRO A 80 -15.27 3.14 -17.70
C PRO A 80 -16.41 4.13 -17.52
N GLY A 81 -16.21 5.34 -18.05
CA GLY A 81 -17.18 6.41 -17.91
C GLY A 81 -17.15 7.15 -16.58
N THR A 82 -16.32 6.74 -15.64
CA THR A 82 -16.22 7.47 -14.37
C THR A 82 -14.99 8.36 -14.37
N ARG A 83 -14.96 9.29 -13.41
CA ARG A 83 -13.87 10.24 -13.31
C ARG A 83 -12.58 9.57 -12.83
N GLY A 84 -12.66 8.82 -11.73
CA GLY A 84 -11.49 8.15 -11.21
C GLY A 84 -10.53 8.99 -10.38
N ASP A 85 -10.97 10.14 -9.86
CA ASP A 85 -10.10 11.05 -9.11
C ASP A 85 -10.72 11.40 -7.75
N ALA A 86 -10.96 10.36 -6.96
CA ALA A 86 -11.84 10.51 -5.81
C ALA A 86 -11.22 11.41 -4.73
N ILE A 87 -9.95 11.17 -4.36
CA ILE A 87 -9.41 11.91 -3.22
C ILE A 87 -9.29 13.38 -3.58
N ALA A 88 -9.00 13.67 -4.85
CA ALA A 88 -9.05 15.05 -5.33
C ALA A 88 -10.46 15.61 -5.22
N MET A 89 -11.45 14.88 -5.73
CA MET A 89 -12.84 15.33 -5.69
C MET A 89 -13.29 15.59 -4.24
N LEU A 90 -12.89 14.73 -3.30
CA LEU A 90 -13.34 14.90 -1.92
C LEU A 90 -12.68 16.11 -1.25
N ARG A 91 -11.38 16.29 -1.45
CA ARG A 91 -10.74 17.52 -0.96
C ARG A 91 -11.29 18.73 -1.69
N GLU A 92 -11.80 18.53 -2.89
CA GLU A 92 -12.32 19.60 -3.71
C GLU A 92 -13.60 20.17 -3.12
N ALA A 93 -14.57 19.28 -2.84
CA ALA A 93 -15.88 19.55 -2.24
C ALA A 93 -15.79 20.03 -0.81
N GLY A 94 -14.59 20.27 -0.30
CA GLY A 94 -14.42 20.82 1.03
C GLY A 94 -14.44 19.83 2.16
N LEU A 95 -14.00 18.58 1.92
CA LEU A 95 -14.06 17.55 2.94
C LEU A 95 -12.71 17.28 3.61
N ARG A 96 -11.72 18.16 3.41
CA ARG A 96 -10.44 18.00 4.09
C ARG A 96 -10.64 17.81 5.59
N SER A 97 -11.55 18.59 6.18
CA SER A 97 -11.83 18.50 7.61
C SER A 97 -12.34 17.13 8.00
N VAL A 98 -13.20 16.55 7.16
CA VAL A 98 -13.79 15.25 7.46
C VAL A 98 -12.77 14.14 7.27
N LEU A 99 -11.90 14.27 6.27
CA LEU A 99 -10.83 13.30 6.07
C LEU A 99 -9.88 13.28 7.28
N ALA A 100 -9.58 14.45 7.82
CA ALA A 100 -8.76 14.51 9.01
C ALA A 100 -9.44 13.82 10.19
N ASP A 101 -10.74 14.05 10.36
CA ASP A 101 -11.47 13.41 11.44
C ASP A 101 -11.49 11.89 11.26
N GLY A 102 -11.70 11.40 10.04
CA GLY A 102 -11.81 9.97 9.84
C GLY A 102 -10.49 9.25 9.69
N LEU A 103 -9.41 9.95 9.36
CA LEU A 103 -8.12 9.32 9.15
C LEU A 103 -7.04 9.78 10.12
N GLY A 104 -7.22 10.90 10.79
CA GLY A 104 -6.17 11.47 11.58
C GLY A 104 -6.03 10.94 13.00
N PRO A 105 -5.27 11.66 13.82
CA PRO A 105 -5.01 11.18 15.18
C PRO A 105 -6.27 10.92 16.00
N ARG A 106 -7.37 11.62 15.74
CA ARG A 106 -8.57 11.36 16.50
C ARG A 106 -9.17 10.01 16.13
N ALA A 107 -9.07 9.64 14.85
CA ALA A 107 -9.53 8.33 14.44
C ALA A 107 -8.69 7.23 15.07
N VAL A 108 -7.36 7.39 15.10
CA VAL A 108 -6.51 6.40 15.76
C VAL A 108 -6.89 6.26 17.23
N ARG A 109 -7.17 7.38 17.90
CA ARG A 109 -7.57 7.30 19.29
C ARG A 109 -8.89 6.54 19.46
N ARG A 110 -9.81 6.71 18.51
CA ARG A 110 -11.08 5.99 18.57
C ARG A 110 -10.92 4.50 18.32
N HIS A 111 -9.95 4.10 17.49
CA HIS A 111 -9.91 2.73 17.00
C HIS A 111 -8.78 1.89 17.54
N GLN A 112 -7.75 2.48 18.16
CA GLN A 112 -6.57 1.70 18.49
C GLN A 112 -6.86 0.64 19.54
N GLY A 113 -7.87 0.87 20.39
CA GLY A 113 -8.22 -0.08 21.42
C GLY A 113 -8.67 -1.40 20.84
N TRP A 114 -9.69 -1.37 19.98
CA TRP A 114 -10.17 -2.63 19.43
C TRP A 114 -9.17 -3.22 18.45
N ILE A 115 -8.39 -2.38 17.76
CA ILE A 115 -7.40 -2.91 16.82
C ILE A 115 -6.39 -3.76 17.57
N ASN A 116 -5.91 -3.26 18.71
CA ASN A 116 -4.96 -4.05 19.48
C ASN A 116 -5.62 -5.25 20.15
N ASP A 117 -6.87 -5.10 20.59
CA ASP A 117 -7.61 -6.25 21.11
C ASP A 117 -7.74 -7.35 20.07
N LEU A 118 -8.06 -6.96 18.83
CA LEU A 118 -8.24 -7.95 17.77
C LEU A 118 -6.92 -8.62 17.40
N ALA A 119 -5.83 -7.85 17.28
CA ALA A 119 -4.54 -8.47 16.99
C ALA A 119 -4.17 -9.49 18.07
N GLU A 120 -4.37 -9.13 19.35
CA GLU A 120 -4.07 -10.08 20.42
C GLU A 120 -5.01 -11.28 20.35
N THR A 121 -6.30 -11.06 20.09
CA THR A 121 -7.25 -12.15 20.02
C THR A 121 -6.89 -13.11 18.90
N LEU A 122 -6.51 -12.57 17.75
CA LEU A 122 -6.18 -13.43 16.61
C LEU A 122 -4.93 -14.25 16.90
N MET A 123 -3.91 -13.60 17.46
CA MET A 123 -2.67 -14.30 17.82
C MET A 123 -2.91 -15.30 18.94
N SER A 124 -3.76 -14.97 19.90
CA SER A 124 -4.03 -15.88 21.00
C SER A 124 -4.75 -17.14 20.52
N GLU A 125 -5.72 -17.00 19.62
CA GLU A 125 -6.37 -18.18 19.05
C GLU A 125 -5.39 -19.06 18.28
N LEU A 126 -4.48 -18.44 17.52
CA LEU A 126 -3.49 -19.23 16.80
C LEU A 126 -2.56 -19.96 17.77
N ALA A 127 -2.21 -19.30 18.88
CA ALA A 127 -1.32 -19.92 19.86
C ALA A 127 -1.98 -21.10 20.54
N SER A 128 -3.30 -21.09 20.69
CA SER A 128 -4.00 -22.21 21.31
C SER A 128 -4.19 -23.39 20.37
N ARG A 129 -3.86 -23.26 19.08
CA ARG A 129 -4.06 -24.37 18.15
C ARG A 129 -2.92 -25.36 18.21
N GLU A 130 -3.26 -26.63 18.09
CA GLU A 130 -2.28 -27.68 17.85
C GLU A 130 -2.03 -27.78 16.35
N GLY A 131 -0.77 -27.71 15.95
CA GLY A 131 -0.40 -27.75 14.55
C GLY A 131 0.08 -26.39 14.08
N THR A 132 0.19 -26.28 12.76
CA THR A 132 0.59 -25.02 12.14
C THR A 132 -0.64 -24.21 11.74
N PHE A 133 -0.39 -22.99 11.28
CA PHE A 133 -1.46 -22.12 10.84
C PHE A 133 -0.90 -21.22 9.75
N ASP A 134 -1.75 -20.34 9.22
CA ASP A 134 -1.39 -19.52 8.08
C ASP A 134 -1.56 -18.05 8.48
N LEU A 135 -0.45 -17.35 8.68
CA LEU A 135 -0.53 -15.97 9.14
C LEU A 135 -1.22 -15.05 8.13
N ALA A 136 -1.17 -15.38 6.85
CA ALA A 136 -1.90 -14.59 5.86
C ALA A 136 -3.41 -14.74 6.05
N ALA A 137 -3.91 -15.98 6.00
CA ALA A 137 -5.36 -16.18 6.05
C ALA A 137 -5.92 -16.01 7.45
N ASP A 138 -5.16 -16.41 8.48
CA ASP A 138 -5.66 -16.48 9.86
C ASP A 138 -5.37 -15.23 10.69
N PHE A 139 -4.47 -14.34 10.24
CA PHE A 139 -4.18 -13.14 11.00
C PHE A 139 -4.35 -11.90 10.12
N VAL A 140 -3.62 -11.84 9.00
CA VAL A 140 -3.64 -10.62 8.20
C VAL A 140 -5.02 -10.38 7.61
N GLU A 141 -5.62 -11.40 6.99
CA GLU A 141 -6.91 -11.17 6.33
C GLU A 141 -8.00 -10.74 7.31
N PRO A 142 -8.17 -11.35 8.48
CA PRO A 142 -9.20 -10.82 9.39
C PRO A 142 -8.85 -9.45 9.95
N LEU A 143 -7.58 -9.18 10.22
CA LEU A 143 -7.21 -7.90 10.79
C LEU A 143 -7.38 -6.78 9.76
N SER A 144 -6.92 -7.01 8.53
CA SER A 144 -7.03 -5.98 7.51
C SER A 144 -8.48 -5.80 7.07
N SER A 145 -9.28 -6.88 7.06
CA SER A 145 -10.70 -6.76 6.75
C SER A 145 -11.43 -5.97 7.82
N ALA A 146 -11.12 -6.20 9.10
CA ALA A 146 -11.73 -5.42 10.17
C ALA A 146 -11.34 -3.95 10.06
N LEU A 147 -10.08 -3.67 9.73
CA LEU A 147 -9.65 -2.29 9.57
C LEU A 147 -10.48 -1.61 8.48
N VAL A 148 -10.61 -2.27 7.33
CA VAL A 148 -11.35 -1.65 6.23
C VAL A 148 -12.82 -1.46 6.61
N SER A 149 -13.41 -2.44 7.29
CA SER A 149 -14.84 -2.37 7.61
C SER A 149 -15.12 -1.34 8.68
N ARG A 150 -14.42 -1.41 9.80
CA ARG A 150 -14.77 -0.56 10.92
C ARG A 150 -14.31 0.88 10.71
N THR A 151 -13.16 1.09 10.07
CA THR A 151 -12.67 2.46 9.97
C THR A 151 -12.98 3.12 8.64
N LEU A 152 -13.26 2.36 7.57
CA LEU A 152 -13.37 2.96 6.24
C LEU A 152 -14.75 2.78 5.62
N LEU A 153 -15.22 1.54 5.43
CA LEU A 153 -16.42 1.32 4.61
C LEU A 153 -17.71 1.14 5.39
N GLY A 154 -17.65 0.53 6.57
CA GLY A 154 -18.85 0.04 7.23
C GLY A 154 -18.87 -1.49 7.25
N GLU A 155 -19.80 -2.03 8.03
CA GLU A 155 -19.82 -3.46 8.22
C GLU A 155 -20.18 -4.15 6.92
N LEU A 156 -19.36 -5.09 6.50
CA LEU A 156 -19.55 -5.87 5.29
C LEU A 156 -19.85 -7.31 5.67
N SER A 157 -20.69 -7.97 4.87
CA SER A 157 -20.81 -9.41 5.00
C SER A 157 -19.54 -10.08 4.48
N ALA A 158 -19.39 -11.37 4.81
CA ALA A 158 -18.26 -12.11 4.28
C ALA A 158 -18.25 -12.09 2.76
N ASP A 159 -19.41 -12.27 2.14
CA ASP A 159 -19.48 -12.33 0.69
C ASP A 159 -19.14 -10.99 0.06
N GLU A 160 -19.58 -9.89 0.67
CA GLU A 160 -19.21 -8.56 0.20
C GLU A 160 -17.71 -8.31 0.35
N ARG A 161 -17.14 -8.70 1.48
CA ARG A 161 -15.70 -8.55 1.66
C ARG A 161 -14.95 -9.35 0.59
N ASP A 162 -15.41 -10.57 0.30
CA ASP A 162 -14.75 -11.40 -0.69
C ASP A 162 -14.84 -10.78 -2.08
N LEU A 163 -15.99 -10.21 -2.43
CA LEU A 163 -16.14 -9.58 -3.73
C LEU A 163 -15.18 -8.39 -3.88
N LEU A 164 -15.12 -7.53 -2.85
CA LEU A 164 -14.21 -6.39 -2.89
C LEU A 164 -12.76 -6.84 -2.94
N ALA A 165 -12.39 -7.86 -2.15
CA ALA A 165 -11.02 -8.37 -2.17
C ALA A 165 -10.67 -8.91 -3.56
N HIS A 166 -11.61 -9.64 -4.17
CA HIS A 166 -11.38 -10.17 -5.51
C HIS A 166 -11.24 -9.05 -6.53
N CYS A 167 -12.12 -8.06 -6.48
CA CYS A 167 -12.01 -6.92 -7.40
C CYS A 167 -10.67 -6.23 -7.26
N ALA A 168 -10.19 -6.03 -6.05
CA ALA A 168 -8.90 -5.38 -5.88
C ALA A 168 -7.78 -6.25 -6.44
N ASP A 169 -7.81 -7.55 -6.19
CA ASP A 169 -6.73 -8.41 -6.68
C ASP A 169 -6.78 -8.57 -8.19
N THR A 170 -7.95 -8.42 -8.80
CA THR A 170 -8.08 -8.60 -10.24
C THR A 170 -7.75 -7.32 -11.00
N GLY A 171 -8.12 -6.17 -10.44
CA GLY A 171 -7.90 -4.91 -11.10
C GLY A 171 -6.52 -4.29 -10.92
N LEU A 172 -5.87 -4.57 -9.78
CA LEU A 172 -4.61 -3.93 -9.43
C LEU A 172 -3.43 -4.84 -9.77
N ARG A 173 -3.25 -5.03 -11.09
CA ARG A 173 -2.36 -6.07 -11.62
C ARG A 173 -1.60 -5.57 -12.83
N PHE A 174 -0.35 -5.99 -12.93
CA PHE A 174 0.43 -5.79 -14.14
C PHE A 174 0.20 -6.89 -15.16
N CYS A 175 -0.19 -8.07 -14.71
CA CYS A 175 -0.40 -9.22 -15.59
C CYS A 175 -1.15 -10.28 -14.80
N GLY A 176 -1.50 -11.37 -15.49
CA GLY A 176 -2.18 -12.50 -14.88
C GLY A 176 -3.66 -12.59 -15.16
N VAL A 177 -4.26 -11.53 -15.73
CA VAL A 177 -5.65 -11.50 -16.14
C VAL A 177 -5.73 -10.82 -17.50
N THR A 178 -6.81 -11.07 -18.22
CA THR A 178 -7.03 -10.36 -19.47
C THR A 178 -7.35 -8.89 -19.21
N HIS A 179 -7.17 -8.06 -20.23
CA HIS A 179 -7.49 -6.64 -20.06
C HIS A 179 -8.95 -6.44 -19.69
N GLU A 180 -9.84 -7.20 -20.33
CA GLU A 180 -11.26 -6.98 -20.09
C GLU A 180 -11.66 -7.45 -18.68
N GLU A 181 -11.05 -8.53 -18.18
CA GLU A 181 -11.27 -8.94 -16.80
C GLU A 181 -10.83 -7.84 -15.83
N GLN A 182 -9.66 -7.25 -16.09
CA GLN A 182 -9.15 -6.18 -15.23
C GLN A 182 -10.09 -4.99 -15.20
N VAL A 183 -10.52 -4.53 -16.39
CA VAL A 183 -11.46 -3.43 -16.47
C VAL A 183 -12.76 -3.79 -15.74
N HIS A 184 -13.26 -5.00 -15.98
CA HIS A 184 -14.54 -5.34 -15.37
C HIS A 184 -14.47 -5.38 -13.85
N ALA A 185 -13.29 -5.68 -13.27
CA ALA A 185 -13.15 -5.61 -11.81
C ALA A 185 -13.47 -4.22 -11.27
N PHE A 186 -13.02 -3.17 -11.98
CA PHE A 186 -13.35 -1.82 -11.54
C PHE A 186 -14.84 -1.53 -11.77
N THR A 187 -15.41 -2.04 -12.86
CA THR A 187 -16.84 -1.86 -13.10
C THR A 187 -17.68 -2.52 -12.01
N GLN A 188 -17.29 -3.73 -11.60
CA GLN A 188 -18.02 -4.46 -10.56
C GLN A 188 -17.94 -3.71 -9.23
N MET A 189 -16.74 -3.25 -8.89
CA MET A 189 -16.58 -2.49 -7.65
C MET A 189 -17.41 -1.20 -7.67
N HIS A 190 -17.36 -0.47 -8.78
CA HIS A 190 -18.14 0.76 -8.89
C HIS A 190 -19.63 0.47 -8.77
N GLU A 191 -20.10 -0.57 -9.44
CA GLU A 191 -21.53 -0.87 -9.41
C GLU A 191 -21.95 -1.35 -8.04
N PHE A 192 -21.08 -2.07 -7.32
CA PHE A 192 -21.36 -2.41 -5.93
C PHE A 192 -21.59 -1.15 -5.09
N PHE A 193 -20.68 -0.18 -5.20
CA PHE A 193 -20.83 1.01 -4.37
C PHE A 193 -21.95 1.92 -4.85
N LEU A 194 -22.30 1.89 -6.14
CA LEU A 194 -23.50 2.61 -6.58
C LEU A 194 -24.74 2.08 -5.86
N GLU A 195 -24.79 0.76 -5.64
CA GLU A 195 -25.91 0.15 -4.93
C GLU A 195 -25.80 0.28 -3.41
N HIS A 196 -24.58 0.25 -2.86
CA HIS A 196 -24.42 0.02 -1.44
C HIS A 196 -23.71 1.10 -0.65
N ALA A 197 -23.05 2.07 -1.29
CA ALA A 197 -22.28 3.05 -0.53
C ALA A 197 -23.15 3.79 0.48
N ARG A 198 -24.33 4.23 0.04
CA ARG A 198 -25.25 4.92 0.94
C ARG A 198 -25.75 3.99 2.04
N ARG A 199 -26.07 2.73 1.70
CA ARG A 199 -26.46 1.73 2.70
C ARG A 199 -25.40 1.59 3.76
N LEU A 200 -24.15 1.44 3.33
CA LEU A 200 -23.03 1.27 4.26
C LEU A 200 -22.90 2.47 5.19
N ALA A 201 -23.17 3.66 4.69
CA ALA A 201 -23.13 4.84 5.54
C ALA A 201 -24.22 4.82 6.61
N GLY A 202 -25.34 4.15 6.34
CA GLY A 202 -26.41 4.10 7.33
C GLY A 202 -26.36 2.91 8.28
N THR A 203 -25.15 2.54 8.69
CA THR A 203 -24.92 1.47 9.66
C THR A 203 -24.25 2.06 10.88
N PRO A 204 -24.25 1.36 12.01
CA PRO A 204 -23.55 1.90 13.19
C PRO A 204 -22.05 2.00 12.96
N GLY A 205 -21.44 2.98 13.61
CA GLY A 205 -20.01 3.17 13.58
C GLY A 205 -19.64 4.60 13.23
N GLU A 206 -18.33 4.85 13.18
CA GLU A 206 -17.79 6.12 12.71
C GLU A 206 -16.84 5.93 11.54
N HIS A 207 -17.09 4.90 10.72
CA HIS A 207 -16.28 4.65 9.53
C HIS A 207 -16.32 5.84 8.57
N LEU A 208 -15.20 6.03 7.85
CA LEU A 208 -15.01 7.24 7.07
C LEU A 208 -16.12 7.45 6.04
N LEU A 209 -16.57 6.37 5.39
CA LEU A 209 -17.60 6.50 4.36
C LEU A 209 -18.88 7.08 4.94
N LYS A 210 -19.25 6.69 6.17
CA LYS A 210 -20.32 7.39 6.86
C LYS A 210 -20.04 8.87 7.05
N LEU A 211 -18.84 9.21 7.52
CA LEU A 211 -18.52 10.61 7.79
C LEU A 211 -18.61 11.44 6.51
N ILE A 212 -18.17 10.88 5.39
CA ILE A 212 -18.32 11.54 4.09
C ILE A 212 -19.79 11.71 3.76
N ALA A 213 -20.58 10.63 3.89
CA ALA A 213 -21.99 10.68 3.51
C ALA A 213 -22.82 11.60 4.40
N GLU A 214 -22.37 11.87 5.63
CA GLU A 214 -23.08 12.76 6.55
C GLU A 214 -22.65 14.21 6.45
N ALA A 215 -21.51 14.50 5.82
CA ALA A 215 -21.00 15.85 5.80
C ALA A 215 -21.85 16.73 4.87
N PRO A 216 -21.89 18.06 5.13
CA PRO A 216 -22.56 19.02 4.23
C PRO A 216 -21.70 19.42 3.04
N LEU A 222 -23.55 14.87 -1.60
CA LEU A 222 -22.78 14.08 -2.56
C LEU A 222 -23.66 13.13 -3.36
N SER A 223 -23.47 13.14 -4.67
CA SER A 223 -24.18 12.23 -5.54
C SER A 223 -23.81 10.78 -5.23
N ASP A 224 -24.63 9.85 -5.71
CA ASP A 224 -24.30 8.44 -5.51
C ASP A 224 -23.04 8.06 -6.29
N GLU A 225 -22.82 8.67 -7.45
CA GLU A 225 -21.61 8.36 -8.22
C GLU A 225 -20.36 8.85 -7.49
N ALA A 226 -20.45 10.01 -6.81
CA ALA A 226 -19.30 10.50 -6.05
C ALA A 226 -19.04 9.64 -4.82
N LEU A 227 -20.10 9.27 -4.09
CA LEU A 227 -19.93 8.38 -2.94
C LEU A 227 -19.43 7.01 -3.35
N ALA A 228 -19.80 6.56 -4.54
CA ALA A 228 -19.31 5.28 -5.04
C ALA A 228 -17.83 5.35 -5.38
N GLU A 229 -17.37 6.47 -5.90
CA GLU A 229 -15.94 6.62 -6.16
C GLU A 229 -15.16 6.71 -4.85
N ALA A 230 -15.75 7.28 -3.80
CA ALA A 230 -15.09 7.28 -2.50
C ALA A 230 -14.94 5.85 -1.98
N GLY A 231 -15.98 5.02 -2.11
CA GLY A 231 -15.88 3.63 -1.69
C GLY A 231 -14.78 2.89 -2.44
N SER A 232 -14.74 3.03 -3.77
CA SER A 232 -13.72 2.35 -4.57
C SER A 232 -12.31 2.81 -4.19
N LEU A 233 -12.16 4.10 -3.89
CA LEU A 233 -10.87 4.63 -3.44
C LEU A 233 -10.42 3.95 -2.15
N LEU A 234 -11.31 3.84 -1.17
CA LEU A 234 -10.95 3.26 0.11
C LEU A 234 -10.57 1.79 -0.01
N VAL A 235 -11.21 1.07 -0.94
CA VAL A 235 -10.82 -0.31 -1.22
C VAL A 235 -9.42 -0.36 -1.81
N VAL A 236 -9.18 0.37 -2.90
CA VAL A 236 -7.91 0.18 -3.59
C VAL A 236 -6.75 0.76 -2.76
N ALA A 237 -7.00 1.84 -2.02
CA ALA A 237 -5.93 2.46 -1.24
C ALA A 237 -5.72 1.77 0.10
N GLY A 238 -6.76 1.13 0.65
CA GLY A 238 -6.68 0.63 2.02
C GLY A 238 -6.57 -0.88 2.18
N PHE A 239 -7.16 -1.66 1.27
CA PHE A 239 -7.26 -3.10 1.46
C PHE A 239 -6.02 -3.87 0.97
N PRO A 240 -5.67 -3.86 -0.34
CA PRO A 240 -4.52 -4.67 -0.77
C PRO A 240 -3.20 -4.14 -0.27
N THR A 241 -3.15 -2.84 0.02
CA THR A 241 -1.97 -2.23 0.59
C THR A 241 -1.74 -2.72 2.00
N SER A 242 -2.76 -2.60 2.84
CA SER A 242 -2.60 -3.03 4.23
C SER A 242 -2.35 -4.53 4.31
N SER A 243 -3.10 -5.34 3.53
CA SER A 243 -2.91 -6.79 3.59
C SER A 243 -1.53 -7.17 3.05
N GLY A 244 -1.14 -6.62 1.90
CA GLY A 244 0.19 -6.89 1.38
C GLY A 244 1.29 -6.48 2.34
N PHE A 245 1.17 -5.29 2.94
CA PHE A 245 2.25 -4.83 3.81
C PHE A 245 2.34 -5.64 5.10
N LEU A 246 1.19 -5.91 5.74
CA LEU A 246 1.21 -6.72 6.96
C LEU A 246 1.80 -8.09 6.70
N CYS A 247 1.43 -8.72 5.56
CA CYS A 247 2.04 -10.00 5.21
C CYS A 247 3.55 -9.88 5.08
N GLY A 248 4.01 -8.87 4.37
CA GLY A 248 5.43 -8.71 4.16
C GLY A 248 6.17 -8.37 5.44
N ALA A 249 5.55 -7.55 6.30
CA ALA A 249 6.19 -7.21 7.56
C ALA A 249 6.32 -8.43 8.45
N LEU A 250 5.32 -9.33 8.44
CA LEU A 250 5.44 -10.54 9.24
C LEU A 250 6.57 -11.41 8.74
N LEU A 251 6.72 -11.53 7.41
CA LEU A 251 7.86 -12.27 6.87
C LEU A 251 9.17 -11.64 7.34
N THR A 252 9.27 -10.31 7.29
CA THR A 252 10.48 -9.66 7.77
C THR A 252 10.76 -10.00 9.23
N LEU A 253 9.72 -9.96 10.07
CA LEU A 253 9.95 -10.23 11.49
C LEU A 253 10.34 -11.67 11.72
N LEU A 254 9.70 -12.60 10.99
CA LEU A 254 9.98 -14.02 11.15
C LEU A 254 11.39 -14.35 10.72
N ARG A 255 11.96 -13.57 9.82
CA ARG A 255 13.33 -13.78 9.38
C ARG A 255 14.36 -13.07 10.26
N HIS A 256 13.92 -12.32 11.28
CA HIS A 256 14.83 -11.57 12.15
C HIS A 256 14.48 -11.85 13.62
N PRO A 257 14.66 -13.08 14.07
CA PRO A 257 14.32 -13.40 15.47
C PRO A 257 15.13 -12.63 16.50
N ASP A 258 16.34 -12.19 16.17
CA ASP A 258 17.11 -11.37 17.11
C ASP A 258 16.44 -10.02 17.29
N ALA A 259 15.94 -9.44 16.20
CA ALA A 259 15.23 -8.16 16.30
C ALA A 259 13.95 -8.32 17.11
N VAL A 260 13.21 -9.40 16.88
CA VAL A 260 11.99 -9.64 17.66
C VAL A 260 12.34 -9.77 19.13
N GLN A 261 13.45 -10.47 19.42
CA GLN A 261 13.87 -10.64 20.79
C GLN A 261 14.12 -9.29 21.45
N GLU A 262 14.75 -8.37 20.73
CA GLU A 262 14.99 -7.04 21.30
C GLU A 262 13.69 -6.29 21.57
N LEU A 263 12.70 -6.41 20.67
CA LEU A 263 11.40 -5.78 20.88
C LEU A 263 10.64 -6.42 22.04
N HIS A 264 10.82 -7.73 22.24
CA HIS A 264 10.19 -8.40 23.36
C HIS A 264 10.70 -7.83 24.68
N ALA A 265 12.02 -7.66 24.76
CA ALA A 265 12.68 -7.14 25.96
C ALA A 265 12.44 -5.65 26.15
N HIS A 266 12.34 -4.89 25.06
CA HIS A 266 12.25 -3.44 25.09
C HIS A 266 11.06 -3.00 24.26
N PRO A 267 9.84 -3.11 24.81
CA PRO A 267 8.65 -2.73 24.04
C PRO A 267 8.65 -1.28 23.59
N GLU A 268 9.44 -0.40 24.24
CA GLU A 268 9.50 0.99 23.82
C GLU A 268 10.19 1.17 22.49
N ARG A 269 10.88 0.14 21.99
CA ARG A 269 11.55 0.19 20.70
C ARG A 269 10.65 -0.21 19.54
N VAL A 270 9.39 -0.63 19.80
CA VAL A 270 8.50 -1.03 18.71
C VAL A 270 8.26 0.08 17.69
N PRO A 271 7.95 1.32 18.07
CA PRO A 271 7.71 2.35 17.04
C PRO A 271 8.86 2.53 16.06
N SER A 272 10.11 2.46 16.53
CA SER A 272 11.26 2.47 15.63
C SER A 272 11.23 1.28 14.67
N ALA A 273 10.80 0.10 15.16
CA ALA A 273 10.71 -1.06 14.28
C ALA A 273 9.62 -0.88 13.24
N VAL A 274 8.50 -0.24 13.61
CA VAL A 274 7.45 0.06 12.64
C VAL A 274 8.00 0.92 11.51
N GLU A 275 8.76 1.96 11.85
CA GLU A 275 9.28 2.83 10.82
C GLU A 275 10.31 2.12 9.95
N GLU A 276 11.12 1.24 10.54
CA GLU A 276 12.07 0.50 9.73
C GLU A 276 11.38 -0.55 8.84
N LEU A 277 10.31 -1.18 9.30
CA LEU A 277 9.53 -2.06 8.41
C LEU A 277 9.01 -1.29 7.20
N LEU A 278 8.55 -0.06 7.40
CA LEU A 278 8.05 0.72 6.27
C LEU A 278 9.16 1.07 5.29
N ARG A 279 10.40 1.20 5.77
CA ARG A 279 11.53 1.43 4.86
C ARG A 279 11.97 0.14 4.17
N TYR A 280 12.07 -0.96 4.93
CA TYR A 280 12.75 -2.18 4.52
C TYR A 280 11.85 -3.12 3.72
N THR A 281 10.61 -3.26 4.16
CA THR A 281 9.70 -4.23 3.57
C THR A 281 9.13 -3.69 2.27
N PRO A 282 9.35 -4.34 1.12
CA PRO A 282 8.84 -3.82 -0.15
C PRO A 282 7.36 -4.09 -0.29
N LEU A 283 6.65 -3.14 -0.91
CA LEU A 283 5.22 -3.33 -1.11
C LEU A 283 4.89 -3.26 -2.60
N SER A 284 4.91 -2.09 -3.20
CA SER A 284 4.47 -1.98 -4.59
C SER A 284 5.52 -2.53 -5.55
N THR A 285 5.04 -3.21 -6.59
CA THR A 285 5.91 -3.65 -7.68
C THR A 285 6.00 -2.63 -8.79
N GLY A 286 5.22 -1.55 -8.71
CA GLY A 286 5.36 -0.41 -9.59
C GLY A 286 5.88 0.83 -8.87
N SER A 287 5.48 1.99 -9.35
CA SER A 287 6.05 3.25 -8.91
C SER A 287 4.98 4.31 -8.73
N VAL A 288 5.20 5.20 -7.77
CA VAL A 288 4.44 6.45 -7.75
C VAL A 288 4.82 7.24 -9.00
N LYS A 289 3.91 8.06 -9.51
CA LYS A 289 4.20 8.68 -10.80
C LYS A 289 3.52 10.04 -10.94
N ARG A 290 4.15 10.88 -11.76
CA ARG A 290 3.74 12.28 -11.89
C ARG A 290 3.94 12.73 -13.33
N MET A 291 3.03 13.56 -13.81
CA MET A 291 3.11 14.15 -15.15
C MET A 291 3.71 15.54 -15.08
N ALA A 292 4.73 15.79 -15.90
CA ALA A 292 5.19 17.17 -16.11
C ALA A 292 4.08 18.02 -16.74
N THR A 293 3.65 19.07 -16.04
CA THR A 293 2.61 19.95 -16.58
C THR A 293 3.17 21.07 -17.42
N GLU A 294 4.49 21.16 -17.53
CA GLU A 294 5.18 22.09 -18.41
C GLU A 294 6.56 21.48 -18.61
N ASP A 295 7.37 22.09 -19.47
CA ASP A 295 8.72 21.61 -19.62
C ASP A 295 9.49 21.83 -18.34
N LEU A 296 10.07 20.75 -17.81
CA LEU A 296 10.74 20.79 -16.53
C LEU A 296 12.11 20.15 -16.68
N GLU A 297 12.92 20.33 -15.65
CA GLU A 297 14.27 19.80 -15.63
C GLU A 297 14.45 19.13 -14.29
N ILE A 298 15.03 17.94 -14.31
CA ILE A 298 15.34 17.26 -13.08
C ILE A 298 16.79 16.78 -13.15
N ASP A 299 17.61 17.30 -12.24
CA ASP A 299 19.04 17.04 -12.17
C ASP A 299 19.70 17.08 -13.56
N GLY A 300 19.34 18.10 -14.34
CA GLY A 300 19.95 18.33 -15.62
C GLY A 300 19.26 17.69 -16.82
N VAL A 301 18.32 16.77 -16.59
CA VAL A 301 17.64 16.04 -17.66
C VAL A 301 16.31 16.72 -17.96
N ARG A 302 16.09 17.04 -19.23
CA ARG A 302 14.87 17.72 -19.65
C ARG A 302 13.70 16.74 -19.67
N ILE A 303 12.59 17.12 -19.03
CA ILE A 303 11.35 16.36 -19.06
C ILE A 303 10.32 17.23 -19.77
N LYS A 304 9.86 16.80 -20.95
CA LYS A 304 8.91 17.61 -21.70
C LYS A 304 7.50 17.51 -21.10
N ALA A 305 6.72 18.57 -21.34
CA ALA A 305 5.34 18.61 -20.90
C ALA A 305 4.60 17.37 -21.38
N GLY A 306 3.86 16.74 -20.47
CA GLY A 306 3.10 15.56 -20.79
C GLY A 306 3.82 14.25 -20.53
N GLU A 307 5.12 14.27 -20.31
CA GLU A 307 5.85 13.04 -20.02
C GLU A 307 5.65 12.67 -18.56
N VAL A 308 5.64 11.37 -18.28
CA VAL A 308 5.38 10.86 -16.94
C VAL A 308 6.66 10.30 -16.34
N VAL A 309 6.94 10.72 -15.11
CA VAL A 309 8.12 10.31 -14.35
C VAL A 309 7.66 9.47 -13.17
N MET A 310 8.25 8.29 -13.01
CA MET A 310 7.93 7.42 -11.89
C MET A 310 9.07 7.41 -10.88
N VAL A 311 8.70 7.19 -9.62
CA VAL A 311 9.66 6.98 -8.51
C VAL A 311 9.34 5.62 -7.91
N SER A 312 10.33 4.74 -7.87
CA SER A 312 10.16 3.48 -7.17
C SER A 312 10.46 3.72 -5.69
N LEU A 313 9.45 3.61 -4.84
CA LEU A 313 9.66 3.78 -3.41
C LEU A 313 10.64 2.74 -2.88
N GLU A 314 10.54 1.50 -3.37
CA GLU A 314 11.46 0.44 -2.97
C GLU A 314 12.90 0.81 -3.29
N ALA A 315 13.13 1.33 -4.49
CA ALA A 315 14.49 1.71 -4.88
C ALA A 315 15.01 2.84 -4.00
N VAL A 316 14.16 3.84 -3.71
CA VAL A 316 14.58 4.96 -2.88
C VAL A 316 14.84 4.50 -1.45
N ASN A 317 13.99 3.61 -0.93
CA ASN A 317 14.14 3.13 0.44
C ASN A 317 15.41 2.30 0.62
N HIS A 318 15.99 1.82 -0.48
CA HIS A 318 17.21 1.00 -0.44
C HIS A 318 18.40 1.75 -1.05
N ASP A 319 18.35 3.07 -1.07
CA ASP A 319 19.40 3.89 -1.66
C ASP A 319 20.55 4.03 -0.67
N PRO A 320 21.74 3.52 -0.99
CA PRO A 320 22.85 3.59 -0.02
C PRO A 320 23.31 5.01 0.27
N ASP A 321 23.09 5.95 -0.66
CA ASP A 321 23.40 7.34 -0.37
C ASP A 321 22.50 7.91 0.72
N ALA A 322 21.32 7.32 0.93
CA ALA A 322 20.42 7.74 2.01
C ALA A 322 20.56 6.89 3.26
N PHE A 323 20.72 5.58 3.10
CA PHE A 323 20.72 4.66 4.23
C PHE A 323 21.95 3.78 4.17
N GLU A 324 22.77 3.85 5.22
CA GLU A 324 23.90 2.95 5.37
C GLU A 324 23.41 1.52 5.51
N ASP A 325 24.02 0.61 4.76
CA ASP A 325 23.61 -0.79 4.74
C ASP A 325 22.10 -0.89 4.47
N PRO A 326 21.63 -0.41 3.32
CA PRO A 326 20.17 -0.31 3.11
C PRO A 326 19.45 -1.64 3.07
N ASP A 327 20.15 -2.74 2.81
CA ASP A 327 19.52 -4.05 2.73
C ASP A 327 19.50 -4.78 4.07
N VAL A 328 19.87 -4.10 5.15
CA VAL A 328 19.82 -4.67 6.49
C VAL A 328 18.58 -4.12 7.21
N PHE A 329 17.83 -5.01 7.86
CA PHE A 329 16.73 -4.62 8.72
C PHE A 329 17.30 -4.17 10.05
N ARG A 330 17.26 -2.87 10.31
CA ARG A 330 17.93 -2.27 11.47
C ARG A 330 17.01 -1.28 12.16
N PRO A 331 16.13 -1.76 13.04
CA PRO A 331 15.27 -0.83 13.79
C PRO A 331 16.13 0.16 14.58
N GLY A 332 15.72 1.42 14.58
CA GLY A 332 16.50 2.43 15.26
C GLY A 332 17.70 2.93 14.50
N ARG A 333 17.88 2.50 13.25
CA ARG A 333 18.86 3.17 12.41
C ARG A 333 18.54 4.65 12.36
N GLU A 334 19.57 5.46 12.21
CA GLU A 334 19.38 6.90 12.22
C GLU A 334 19.80 7.44 10.86
N GLY A 335 18.83 7.46 9.95
CA GLY A 335 18.96 8.14 8.68
C GLY A 335 17.73 9.00 8.43
N PRO A 336 17.53 9.44 7.19
CA PRO A 336 16.41 10.32 6.87
C PRO A 336 15.07 9.57 6.84
N MET A 337 14.01 10.35 6.61
CA MET A 337 12.65 9.83 6.49
C MET A 337 12.53 8.79 5.38
N HIS A 338 11.88 7.67 5.68
CA HIS A 338 11.64 6.67 4.65
C HIS A 338 10.56 7.17 3.67
N PHE A 339 10.44 6.43 2.56
CA PHE A 339 9.49 6.71 1.49
C PHE A 339 8.33 5.73 1.47
N GLY A 340 8.11 4.96 2.54
CA GLY A 340 7.07 3.94 2.46
C GLY A 340 5.67 4.50 2.30
N PHE A 341 5.44 5.73 2.74
CA PHE A 341 4.15 6.40 2.54
C PHE A 341 4.24 7.48 1.48
N GLY A 342 5.34 7.55 0.75
CA GLY A 342 5.55 8.61 -0.21
C GLY A 342 6.22 9.84 0.35
N ARG A 343 5.92 11.00 -0.26
CA ARG A 343 6.64 12.24 0.01
C ARG A 343 5.83 13.42 -0.51
N GLY A 344 5.79 14.51 0.27
CA GLY A 344 5.14 15.70 -0.25
C GLY A 344 3.63 15.72 -0.04
N ARG A 345 2.94 16.44 -0.92
CA ARG A 345 1.51 16.71 -0.70
C ARG A 345 0.66 15.44 -0.76
N HIS A 346 1.10 14.41 -1.48
CA HIS A 346 0.31 13.18 -1.61
C HIS A 346 0.71 12.09 -0.63
N PHE A 347 1.54 12.44 0.37
CA PHE A 347 1.86 11.53 1.48
C PHE A 347 0.61 10.82 1.98
N CYS A 348 0.70 9.50 2.11
CA CYS A 348 -0.47 8.65 2.37
C CYS A 348 -1.29 9.21 3.54
N PRO A 349 -2.54 9.63 3.31
CA PRO A 349 -3.36 10.07 4.47
C PRO A 349 -3.82 8.92 5.33
N GLY A 350 -3.67 7.70 4.85
CA GLY A 350 -3.88 6.49 5.65
C GLY A 350 -2.73 6.13 6.55
N ASN A 351 -1.70 7.00 6.64
CA ASN A 351 -0.47 6.64 7.36
C ASN A 351 -0.71 6.43 8.85
N ARG A 352 -1.69 7.13 9.44
CA ARG A 352 -1.93 7.04 10.87
C ARG A 352 -2.58 5.69 11.20
N LEU A 353 -3.61 5.30 10.44
CA LEU A 353 -4.27 4.01 10.64
C LEU A 353 -3.36 2.85 10.27
N ALA A 354 -2.62 2.99 9.17
CA ALA A 354 -1.61 1.98 8.83
C ALA A 354 -0.60 1.81 9.95
N ARG A 355 -0.02 2.92 10.42
CA ARG A 355 0.95 2.76 11.50
C ARG A 355 0.31 2.08 12.72
N CYS A 356 -0.98 2.35 12.96
CA CYS A 356 -1.66 1.80 14.12
C CYS A 356 -1.75 0.28 14.01
N VAL A 357 -2.18 -0.19 12.84
CA VAL A 357 -2.34 -1.63 12.65
C VAL A 357 -0.99 -2.33 12.53
N ILE A 358 0.03 -1.65 11.95
CA ILE A 358 1.36 -2.25 11.91
C ILE A 358 1.91 -2.39 13.31
N GLU A 359 1.79 -1.33 14.12
CA GLU A 359 2.26 -1.41 15.50
C GLU A 359 1.53 -2.49 16.27
N ALA A 360 0.21 -2.59 16.11
CA ALA A 360 -0.53 -3.64 16.80
C ALA A 360 -0.01 -5.02 16.45
N THR A 361 0.38 -5.21 15.18
CA THR A 361 0.88 -6.49 14.71
C THR A 361 2.27 -6.77 15.25
N VAL A 362 3.16 -5.77 15.19
CA VAL A 362 4.50 -5.94 15.73
C VAL A 362 4.45 -6.29 17.22
N ARG A 363 3.66 -5.54 18.00
CA ARG A 363 3.54 -5.84 19.44
C ARG A 363 2.98 -7.24 19.69
N ALA A 364 1.99 -7.67 18.90
CA ALA A 364 1.44 -9.01 19.07
C ALA A 364 2.50 -10.08 18.83
N VAL A 365 3.41 -9.83 17.89
CA VAL A 365 4.48 -10.78 17.59
C VAL A 365 5.54 -10.73 18.68
N ALA A 366 5.92 -9.51 19.10
CA ALA A 366 6.99 -9.34 20.09
C ALA A 366 6.60 -9.92 21.43
N ARG A 367 5.31 -9.92 21.77
CA ARG A 367 4.90 -10.55 23.03
C ARG A 367 4.99 -12.08 23.00
N ARG A 368 5.11 -12.72 21.83
CA ARG A 368 5.08 -14.19 21.74
C ARG A 368 6.30 -14.71 21.01
N PRO A 369 7.49 -14.60 21.60
CA PRO A 369 8.68 -15.15 20.96
C PRO A 369 8.58 -16.65 20.73
N GLY A 370 9.28 -17.10 19.69
CA GLY A 370 9.21 -18.46 19.21
C GLY A 370 8.41 -18.62 17.95
N LEU A 371 7.66 -17.60 17.56
CA LEU A 371 6.89 -17.68 16.32
C LEU A 371 7.80 -17.77 15.11
N ARG A 372 7.58 -18.77 14.25
CA ARG A 372 8.51 -19.00 13.16
C ARG A 372 7.78 -19.53 11.93
N LEU A 373 8.43 -19.37 10.78
CA LEU A 373 7.92 -19.97 9.56
C LEU A 373 7.90 -21.49 9.69
N ALA A 374 6.89 -22.12 9.14
CA ALA A 374 6.80 -23.58 9.17
C ALA A 374 7.38 -24.21 7.91
N VAL A 375 7.81 -23.38 6.97
CA VAL A 375 8.53 -23.78 5.76
C VAL A 375 9.76 -22.89 5.62
N ALA A 376 10.56 -23.14 4.58
CA ALA A 376 11.70 -22.28 4.29
C ALA A 376 11.24 -21.04 3.54
N PRO A 377 11.95 -19.91 3.70
CA PRO A 377 11.53 -18.68 3.01
C PRO A 377 11.38 -18.86 1.51
N GLU A 378 12.17 -19.76 0.91
CA GLU A 378 12.10 -20.02 -0.52
C GLU A 378 10.91 -20.87 -0.91
N GLU A 379 10.29 -21.57 0.07
CA GLU A 379 9.05 -22.29 -0.19
C GLU A 379 7.83 -21.38 -0.12
N ILE A 380 7.99 -20.11 0.26
CA ILE A 380 6.86 -19.20 0.25
C ILE A 380 6.48 -18.91 -1.20
N SER A 381 5.19 -18.98 -1.50
CA SER A 381 4.67 -18.77 -2.84
C SER A 381 4.07 -17.37 -2.91
N TRP A 382 4.28 -16.69 -4.03
CA TRP A 382 3.85 -15.30 -4.16
C TRP A 382 2.78 -15.17 -5.24
N HIS A 383 1.76 -14.36 -4.96
CA HIS A 383 0.89 -13.93 -6.05
C HIS A 383 1.74 -13.21 -7.08
N GLU A 384 1.53 -13.52 -8.34
CA GLU A 384 2.40 -12.98 -9.39
C GLU A 384 1.64 -11.91 -10.16
N GLY A 385 2.18 -10.70 -10.18
CA GLY A 385 1.65 -9.64 -11.00
C GLY A 385 0.87 -8.57 -10.26
N LEU A 386 0.64 -8.73 -8.97
CA LEU A 386 -0.06 -7.70 -8.20
C LEU A 386 0.75 -6.43 -8.12
N PHE A 387 0.07 -5.28 -8.21
CA PHE A 387 0.69 -4.01 -7.84
C PHE A 387 1.28 -4.06 -6.45
N PHE A 388 0.61 -4.72 -5.50
CA PHE A 388 1.07 -4.74 -4.12
C PHE A 388 1.36 -6.19 -3.74
N ARG A 389 2.64 -6.51 -3.58
CA ARG A 389 3.11 -7.85 -3.28
C ARG A 389 2.32 -8.49 -2.15
N ARG A 390 2.02 -9.77 -2.31
CA ARG A 390 1.40 -10.51 -1.22
C ARG A 390 1.71 -11.99 -1.40
N PRO A 391 2.19 -12.66 -0.35
CA PRO A 391 2.37 -14.11 -0.46
C PRO A 391 1.01 -14.82 -0.45
N ARG A 392 0.99 -16.03 -1.03
CA ARG A 392 -0.25 -16.80 -1.09
CA ARG A 392 -0.26 -16.79 -1.09
C ARG A 392 -0.64 -17.35 0.27
N ALA A 393 0.33 -17.60 1.13
CA ALA A 393 0.13 -18.12 2.48
C ALA A 393 1.44 -17.93 3.24
N ILE A 394 1.33 -17.87 4.57
CA ILE A 394 2.51 -17.78 5.45
C ILE A 394 2.39 -18.88 6.49
N PRO A 395 2.82 -20.11 6.17
CA PRO A 395 2.74 -21.20 7.16
C PRO A 395 3.65 -20.91 8.34
N ALA A 396 3.12 -21.03 9.54
CA ALA A 396 3.84 -20.61 10.73
C ALA A 396 3.42 -21.48 11.90
N THR A 397 4.21 -21.39 12.98
CA THR A 397 4.00 -22.24 14.14
C THR A 397 4.85 -21.70 15.29
N TRP A 398 4.52 -22.14 16.50
N TRP A 398 4.47 -22.10 16.51
CA TRP A 398 5.40 -21.92 17.66
CA TRP A 398 5.35 -21.98 17.65
C TRP A 398 6.17 -23.20 18.03
C TRP A 398 5.97 -23.35 17.89
CHA HEM B . -1.56 7.34 -0.99
CHB HEM B . -5.28 6.05 1.81
CHC HEM B . -2.67 2.41 3.59
CHD HEM B . 1.14 3.89 1.04
C1A HEM B . -2.82 7.24 -0.46
C2A HEM B . -3.98 7.97 -0.92
C3A HEM B . -5.02 7.62 -0.14
C4A HEM B . -4.55 6.65 0.80
CMA HEM B . -6.47 8.12 -0.24
CAA HEM B . -4.03 8.94 -2.12
CBA HEM B . -3.47 10.27 -1.72
CGA HEM B . -3.21 11.19 -2.90
O1A HEM B . -3.18 12.41 -2.64
O2A HEM B . -3.06 10.69 -4.04
C1B HEM B . -4.86 4.99 2.55
C2B HEM B . -5.68 4.29 3.53
C3B HEM B . -4.97 3.27 4.01
C4B HEM B . -3.68 3.30 3.36
CMB HEM B . -7.13 4.69 3.91
CAB HEM B . -5.35 2.25 5.09
CBB HEM B . -6.03 2.62 6.19
C1C HEM B . -1.42 2.48 3.04
C2C HEM B . -0.32 1.59 3.34
C3C HEM B . 0.74 2.00 2.64
C4C HEM B . 0.33 3.14 1.88
CMC HEM B . -0.46 0.38 4.31
CAC HEM B . 2.18 1.45 2.57
CBC HEM B . 2.62 0.44 3.33
C1D HEM B . 0.71 4.94 0.31
C2D HEM B . 1.57 5.70 -0.59
C3D HEM B . 0.86 6.69 -1.13
C4D HEM B . -0.50 6.56 -0.61
CMD HEM B . 3.06 5.41 -0.83
CAD HEM B . 1.39 7.76 -2.11
CBD HEM B . 1.08 7.50 -3.59
CGD HEM B . 1.62 8.65 -4.42
O1D HEM B . 2.50 9.42 -3.98
O2D HEM B . 1.15 8.80 -5.56
NA HEM B . -3.19 6.40 0.58
NB HEM B . -3.63 4.34 2.48
NC HEM B . -1.00 3.44 2.13
ND HEM B . -0.57 5.48 0.25
FE HEM B . -2.08 4.94 1.42
CA CA C . -2.25 10.60 -23.84
C02 3I5 D . 0.59 3.66 -8.47
C04 3I5 D . 0.31 1.36 -9.17
C05 3I5 D . 0.52 0.75 -10.69
C06 3I5 D . -0.31 1.71 -11.55
C07 3I5 D . -0.37 2.92 -10.86
C08 3I5 D . 1.46 0.83 -8.29
C10 3I5 D . 1.13 3.11 -7.14
C11 3I5 D . 1.96 4.13 -6.36
C12 3I5 D . 2.59 3.42 -5.15
C13 3I5 D . 3.92 3.04 -4.98
C15 3I5 D . 2.81 2.37 -3.18
C16 3I5 D . 2.41 1.83 -1.94
C17 3I5 D . 1.07 1.91 -1.54
C18 3I5 D . 0.16 2.57 -2.35
C20 3I5 D . 0.54 3.09 -3.59
C21 3I5 D . 1.89 2.99 -3.99
F19 3I5 D . -1.15 2.67 -1.99
N03 3I5 D . 0.25 2.67 -9.36
N09 3I5 D . 1.89 1.80 -7.23
N14 3I5 D . 4.02 2.43 -3.81
O01 3I5 D . 0.48 4.81 -8.71
O22 3I5 D . 1.97 -0.24 -8.40
C02 3I5 E . -3.27 6.83 -7.84
C04 3I5 E . -5.55 7.00 -6.97
C05 3I5 E . -6.23 5.58 -6.50
C06 3I5 E . -6.21 4.80 -7.83
C07 3I5 E . -5.50 5.55 -8.76
C08 3I5 E . -5.16 7.93 -5.80
C10 3I5 E . -2.74 7.74 -6.75
C11 3I5 E . -1.74 6.85 -6.00
C12 3I5 E . -2.37 5.69 -5.19
C13 3I5 E . -2.70 5.72 -3.84
C15 3I5 E . -3.23 3.70 -4.58
C16 3I5 E . -3.68 2.34 -4.72
C17 3I5 E . -3.58 1.72 -5.94
C18 3I5 E . -3.03 2.43 -7.01
C20 3I5 E . -2.60 3.74 -6.90
C21 3I5 E . -2.69 4.39 -5.65
F19 3I5 E . -2.92 1.83 -8.22
N03 3I5 E . -4.63 6.56 -7.76
N09 3I5 E . -3.71 8.31 -5.74
N14 3I5 E . -3.21 4.53 -3.49
O01 3I5 E . -2.57 6.33 -8.65
O22 3I5 E . -5.93 8.36 -4.99
#